data_4Q5K
#
_entry.id   4Q5K
#
_cell.length_a   49.471
_cell.length_b   60.930
_cell.length_c   80.122
_cell.angle_alpha   90.000
_cell.angle_beta   90.000
_cell.angle_gamma   90.000
#
_symmetry.space_group_name_H-M   'P 21 21 21'
#
loop_
_entity.id
_entity.type
_entity.pdbx_description
1 polymer 'Uncharacterized protein'
2 non-polymer '(2R)-2-[[(1R,2S,3R,4R,5R)-4-acetamido-2-[(2S,3R,4R,5S,6R)-3-acetamido-6-(hydroxymethyl)-4,5-bis(oxidanyl)oxan-2-yl]oxy-6,8-dioxabicyclo[3.2.1]octan-3-yl]oxy]propanoic acid'
3 non-polymer 'SODIUM ION'
4 water water
#
_entity_poly.entity_id   1
_entity_poly.type   'polypeptide(L)'
_entity_poly.pdbx_seq_one_letter_code
;GQGGKD(MSE)LSNGIKYLDVPYVAHTLEADGPEELVINCDEVDCTTLVEYVLAETLTPKLADGDISESAFADNLQKIRY
RDGKIDGYTSRLHYIADWINNGVRNGFLQDVTGA(MSE)SPDTERLSISY(MSE)SSHPQLYKQLANSPENVAK(MSE)K
KIEQSLSGKEVHYLPKAKLPADGLPWIKDGDIIAITTNTPGLDVAH(MSE)GIAFYADNKLLLVHASSTDKKVVVSKVPL
SQ(MSE)LKDNNKWTGIRVLR(MSE)KK
;
_entity_poly.pdbx_strand_id   A
#
loop_
_chem_comp.id
_chem_comp.type
_chem_comp.name
_chem_comp.formula
2YP non-polymer '(2R)-2-[[(1R,2S,3R,4R,5R)-4-acetamido-2-[(2S,3R,4R,5S,6R)-3-acetamido-6-(hydroxymethyl)-4,5-bis(oxidanyl)oxan-2-yl]oxy-6,8-dioxabicyclo[3.2.1]octan-3-yl]oxy]propanoic acid' 'C19 H30 N2 O12'
NA non-polymer 'SODIUM ION' 'Na 1'
#
# COMPACT_ATOMS: atom_id res chain seq x y z
N GLY A 4 -21.98 -2.29 0.60
CA GLY A 4 -21.24 -3.44 -0.03
C GLY A 4 -19.85 -3.67 0.54
N LYS A 5 -19.68 -4.76 1.30
CA LYS A 5 -18.44 -5.05 2.01
C LYS A 5 -17.43 -5.77 1.12
N ASP A 6 -16.82 -5.00 0.21
CA ASP A 6 -15.70 -5.46 -0.59
C ASP A 6 -14.74 -4.33 -0.87
N MSE A 7 -13.54 -4.73 -1.21
CA MSE A 7 -12.46 -3.80 -1.34
C MSE A 7 -12.73 -2.73 -2.40
O MSE A 7 -12.49 -1.54 -2.18
CB MSE A 7 -11.17 -4.51 -1.73
CG MSE A 7 -10.53 -5.33 -0.64
SE MSE A 7 -9.70 -4.24 0.73
CE MSE A 7 -8.45 -3.28 -0.31
N LEU A 8 -13.21 -3.17 -3.56
CA LEU A 8 -13.44 -2.23 -4.64
C LEU A 8 -14.54 -1.22 -4.26
N SER A 9 -15.67 -1.69 -3.75
CA SER A 9 -16.74 -0.76 -3.44
CA SER A 9 -16.77 -0.82 -3.34
C SER A 9 -16.31 0.21 -2.32
N ASN A 10 -15.54 -0.27 -1.35
CA ASN A 10 -15.09 0.63 -0.29
C ASN A 10 -14.05 1.62 -0.81
N GLY A 11 -13.25 1.21 -1.80
CA GLY A 11 -12.34 2.15 -2.45
C GLY A 11 -13.06 3.24 -3.21
N ILE A 12 -14.08 2.84 -3.95
CA ILE A 12 -14.86 3.79 -4.75
CA ILE A 12 -14.86 3.79 -4.75
C ILE A 12 -15.52 4.85 -3.87
N LYS A 13 -15.89 4.50 -2.63
CA LYS A 13 -16.47 5.49 -1.72
CA LYS A 13 -16.44 5.47 -1.67
C LYS A 13 -15.49 6.64 -1.42
N TYR A 14 -14.19 6.44 -1.66
CA TYR A 14 -13.19 7.49 -1.42
C TYR A 14 -12.96 8.40 -2.60
N LEU A 15 -13.63 8.19 -3.73
CA LEU A 15 -13.42 9.07 -4.86
C LEU A 15 -13.66 10.52 -4.43
N ASP A 16 -12.78 11.40 -4.91
CA ASP A 16 -12.80 12.86 -4.64
C ASP A 16 -12.28 13.27 -3.26
N VAL A 17 -11.97 12.30 -2.38
CA VAL A 17 -11.35 12.66 -1.11
C VAL A 17 -9.99 13.31 -1.42
N PRO A 18 -9.66 14.45 -0.79
CA PRO A 18 -8.39 15.09 -1.07
C PRO A 18 -7.15 14.28 -0.74
N TYR A 19 -6.15 14.46 -1.59
CA TYR A 19 -4.80 13.99 -1.34
CA TYR A 19 -4.79 13.99 -1.33
C TYR A 19 -4.08 15.00 -0.45
N VAL A 20 -3.51 14.52 0.65
CA VAL A 20 -2.67 15.34 1.52
C VAL A 20 -1.54 14.45 1.99
N ALA A 21 -0.30 14.94 1.85
CA ALA A 21 0.88 14.27 2.32
C ALA A 21 1.03 14.38 3.83
N HIS A 22 1.69 13.39 4.42
CA HIS A 22 2.17 13.46 5.81
C HIS A 22 1.05 13.50 6.84
N THR A 23 -0.11 12.92 6.52
CA THR A 23 -1.24 12.97 7.48
C THR A 23 -1.01 12.20 8.79
N LEU A 24 -0.03 11.29 8.80
CA LEU A 24 0.28 10.50 10.00
C LEU A 24 1.38 11.11 10.85
N GLU A 25 1.91 12.27 10.47
CA GLU A 25 3.16 12.76 11.06
C GLU A 25 3.03 13.88 12.08
N ALA A 26 1.97 13.89 12.87
CA ALA A 26 1.86 14.93 13.92
C ALA A 26 3.03 14.89 14.91
N ASP A 27 3.35 16.05 15.49
CA ASP A 27 4.30 16.12 16.60
C ASP A 27 3.82 15.19 17.72
N GLY A 28 4.74 14.73 18.53
CA GLY A 28 4.39 13.91 19.69
C GLY A 28 4.58 12.42 19.45
N PRO A 29 4.07 11.59 20.38
CA PRO A 29 4.35 10.17 20.24
C PRO A 29 3.58 9.57 19.08
N GLU A 30 4.10 8.48 18.59
CA GLU A 30 3.41 7.71 17.58
C GLU A 30 2.15 7.11 18.21
N GLU A 31 1.00 7.48 17.66
CA GLU A 31 -0.32 6.98 18.07
C GLU A 31 -1.12 6.73 16.81
N LEU A 32 -2.22 5.99 16.94
CA LEU A 32 -3.06 5.69 15.81
C LEU A 32 -3.78 6.92 15.32
N VAL A 33 -3.48 7.33 14.10
CA VAL A 33 -4.11 8.47 13.47
C VAL A 33 -5.14 8.01 12.45
N ILE A 34 -6.37 8.50 12.60
CA ILE A 34 -7.44 8.19 11.65
C ILE A 34 -7.87 9.48 10.98
N ASN A 35 -7.50 9.63 9.71
CA ASN A 35 -7.89 10.78 8.92
C ASN A 35 -8.41 10.32 7.56
N CYS A 36 -9.70 9.97 7.53
CA CYS A 36 -10.31 9.42 6.33
C CYS A 36 -10.69 10.49 5.29
N ASP A 37 -10.58 11.75 5.68
CA ASP A 37 -10.92 12.88 4.82
C ASP A 37 -9.73 13.51 4.10
N GLU A 38 -8.53 13.03 4.40
CA GLU A 38 -7.30 13.50 3.77
C GLU A 38 -6.38 12.31 3.70
N VAL A 39 -6.02 11.86 2.49
CA VAL A 39 -5.33 10.59 2.34
C VAL A 39 -4.13 10.70 1.42
N ASP A 40 -3.23 9.72 1.53
CA ASP A 40 -2.24 9.48 0.49
C ASP A 40 -2.42 8.07 -0.05
N CYS A 41 -1.56 7.63 -0.96
CA CYS A 41 -1.85 6.35 -1.63
C CYS A 41 -1.85 5.18 -0.66
N THR A 42 -1.02 5.27 0.38
CA THR A 42 -0.91 4.21 1.36
C THR A 42 -2.03 4.27 2.40
N THR A 43 -2.29 5.45 2.95
CA THR A 43 -3.34 5.50 3.95
C THR A 43 -4.70 5.16 3.34
N LEU A 44 -4.93 5.50 2.09
CA LEU A 44 -6.17 5.12 1.41
C LEU A 44 -6.35 3.60 1.47
N VAL A 45 -5.34 2.87 1.03
CA VAL A 45 -5.42 1.42 1.00
C VAL A 45 -5.63 0.88 2.41
N GLU A 46 -4.91 1.43 3.40
CA GLU A 46 -5.08 0.98 4.79
C GLU A 46 -6.51 1.18 5.29
N TYR A 47 -7.11 2.34 5.06
CA TYR A 47 -8.47 2.57 5.51
C TYR A 47 -9.48 1.64 4.82
N VAL A 48 -9.27 1.42 3.53
CA VAL A 48 -10.17 0.58 2.78
C VAL A 48 -10.06 -0.87 3.28
N LEU A 49 -8.84 -1.35 3.45
CA LEU A 49 -8.62 -2.71 3.96
C LEU A 49 -9.19 -2.86 5.37
N ALA A 50 -8.95 -1.87 6.24
CA ALA A 50 -9.47 -1.95 7.60
C ALA A 50 -10.99 -2.04 7.62
N GLU A 51 -11.65 -1.22 6.81
CA GLU A 51 -13.11 -1.22 6.72
C GLU A 51 -13.62 -2.56 6.21
N THR A 52 -12.97 -3.08 5.19
CA THR A 52 -13.45 -4.28 4.55
C THR A 52 -13.26 -5.50 5.45
N LEU A 53 -12.20 -5.50 6.26
CA LEU A 53 -11.98 -6.58 7.24
C LEU A 53 -12.96 -6.57 8.40
N THR A 54 -13.56 -5.42 8.68
CA THR A 54 -14.37 -5.26 9.85
C THR A 54 -15.78 -5.81 9.58
N PRO A 55 -16.28 -6.72 10.45
CA PRO A 55 -17.61 -7.27 10.21
C PRO A 55 -18.69 -6.22 10.38
N LYS A 56 -19.82 -6.43 9.71
CA LYS A 56 -21.00 -5.62 9.90
C LYS A 56 -21.63 -5.95 11.24
N LEU A 57 -22.07 -4.91 11.94
CA LEU A 57 -22.91 -5.08 13.14
C LEU A 57 -24.27 -5.62 12.74
N ALA A 58 -24.92 -6.33 13.66
CA ALA A 58 -26.30 -6.78 13.46
C ALA A 58 -27.23 -5.60 13.18
N ASP A 59 -26.91 -4.43 13.73
CA ASP A 59 -27.66 -3.18 13.43
C ASP A 59 -27.38 -2.62 12.02
N GLY A 60 -26.17 -2.85 11.51
CA GLY A 60 -25.73 -2.28 10.25
C GLY A 60 -24.58 -1.32 10.48
N ASP A 61 -23.86 -1.06 9.38
CA ASP A 61 -22.61 -0.31 9.44
C ASP A 61 -21.58 -1.06 10.30
N ILE A 62 -20.60 -0.37 10.85
CA ILE A 62 -19.54 -1.04 11.59
C ILE A 62 -19.21 -0.33 12.89
N SER A 63 -18.58 -1.10 13.78
CA SER A 63 -18.07 -0.57 15.03
C SER A 63 -16.84 0.32 14.79
N GLU A 64 -16.87 1.54 15.32
CA GLU A 64 -15.73 2.44 15.13
CA GLU A 64 -15.75 2.48 15.21
C GLU A 64 -14.49 1.89 15.83
N SER A 65 -14.64 1.26 17.00
CA SER A 65 -13.48 0.69 17.69
C SER A 65 -12.94 -0.50 16.95
N ALA A 66 -13.81 -1.31 16.35
CA ALA A 66 -13.34 -2.47 15.58
C ALA A 66 -12.55 -1.99 14.37
N PHE A 67 -13.05 -0.96 13.69
CA PHE A 67 -12.33 -0.36 12.56
C PHE A 67 -10.93 0.09 12.99
N ALA A 68 -10.85 0.84 14.09
CA ALA A 68 -9.55 1.30 14.60
C ALA A 68 -8.63 0.14 14.94
N ASP A 69 -9.17 -0.87 15.62
CA ASP A 69 -8.38 -2.02 15.99
C ASP A 69 -7.82 -2.72 14.74
N ASN A 70 -8.62 -2.86 13.70
CA ASN A 70 -8.15 -3.50 12.49
C ASN A 70 -7.15 -2.62 11.75
N LEU A 71 -7.38 -1.31 11.71
CA LEU A 71 -6.40 -0.39 11.13
C LEU A 71 -5.05 -0.53 11.81
N GLN A 72 -5.07 -0.63 13.14
CA GLN A 72 -3.83 -0.75 13.90
C GLN A 72 -3.07 -2.01 13.53
N LYS A 73 -3.78 -3.11 13.29
CA LYS A 73 -3.16 -4.38 12.89
CA LYS A 73 -3.16 -4.38 12.89
CA LYS A 73 -3.20 -4.39 12.89
CA LYS A 73 -3.11 -4.37 12.92
C LYS A 73 -2.49 -4.32 11.51
N ILE A 74 -3.05 -3.47 10.65
CA ILE A 74 -2.55 -3.28 9.30
C ILE A 74 -1.34 -2.34 9.29
N ARG A 75 -1.41 -1.27 10.08
CA ARG A 75 -0.43 -0.20 9.96
C ARG A 75 0.87 -0.47 10.76
N TYR A 76 0.77 -1.24 11.85
CA TYR A 76 1.88 -1.46 12.77
C TYR A 76 2.30 -2.91 12.79
N ARG A 77 3.59 -3.11 13.05
CA ARG A 77 4.21 -4.43 13.10
C ARG A 77 3.52 -5.28 14.18
N ASP A 78 2.83 -6.33 13.75
CA ASP A 78 2.01 -7.19 14.61
C ASP A 78 1.01 -6.40 15.46
N GLY A 79 0.60 -5.26 14.94
CA GLY A 79 -0.42 -4.42 15.58
C GLY A 79 0.01 -3.71 16.86
N LYS A 80 1.31 -3.69 17.14
CA LYS A 80 1.80 -3.05 18.35
C LYS A 80 2.41 -1.69 18.05
N ILE A 81 1.83 -0.65 18.64
CA ILE A 81 2.33 0.69 18.51
C ILE A 81 3.42 0.90 19.55
N ASP A 82 4.63 1.15 19.06
CA ASP A 82 5.80 1.32 19.91
C ASP A 82 6.80 2.22 19.19
N GLY A 83 6.51 3.52 19.16
CA GLY A 83 7.34 4.49 18.48
C GLY A 83 7.17 4.57 16.98
N TYR A 84 7.79 5.59 16.39
CA TYR A 84 7.72 5.81 14.96
C TYR A 84 8.11 4.56 14.15
N THR A 85 9.17 3.87 14.58
CA THR A 85 9.71 2.80 13.77
C THR A 85 8.87 1.52 13.85
N SER A 86 7.83 1.49 14.71
CA SER A 86 6.90 0.37 14.72
C SER A 86 5.88 0.43 13.60
N ARG A 87 5.72 1.59 12.98
CA ARG A 87 4.84 1.72 11.81
C ARG A 87 5.50 1.00 10.64
N LEU A 88 4.72 0.32 9.80
CA LEU A 88 5.26 -0.45 8.69
C LEU A 88 5.52 0.42 7.48
N HIS A 89 6.56 1.23 7.58
CA HIS A 89 6.89 2.24 6.59
C HIS A 89 7.16 1.69 5.20
N TYR A 90 7.90 0.58 5.14
CA TYR A 90 8.23 -0.02 3.86
C TYR A 90 7.17 -1.02 3.46
N ILE A 91 6.70 -0.94 2.21
CA ILE A 91 5.59 -1.79 1.77
C ILE A 91 5.98 -3.27 1.77
N ALA A 92 7.26 -3.62 1.51
CA ALA A 92 7.63 -5.04 1.65
C ALA A 92 7.33 -5.53 3.05
N ASP A 93 7.59 -4.69 4.04
CA ASP A 93 7.38 -5.03 5.47
C ASP A 93 5.88 -5.10 5.78
N TRP A 94 5.13 -4.14 5.27
CA TRP A 94 3.69 -4.05 5.38
C TRP A 94 3.03 -5.31 4.80
N ILE A 95 3.50 -5.73 3.64
CA ILE A 95 3.02 -6.97 3.02
C ILE A 95 3.31 -8.17 3.95
N ASN A 96 4.54 -8.28 4.40
CA ASN A 96 4.93 -9.39 5.25
C ASN A 96 4.06 -9.45 6.51
N ASN A 97 3.75 -8.29 7.08
CA ASN A 97 2.90 -8.24 8.27
C ASN A 97 1.52 -8.79 7.98
N GLY A 98 0.95 -8.40 6.84
CA GLY A 98 -0.36 -8.90 6.48
C GLY A 98 -0.38 -10.38 6.17
N VAL A 99 0.64 -10.87 5.48
CA VAL A 99 0.74 -12.29 5.21
C VAL A 99 0.90 -13.09 6.51
N ARG A 100 1.84 -12.66 7.36
CA ARG A 100 2.12 -13.34 8.62
C ARG A 100 0.88 -13.41 9.51
N ASN A 101 0.11 -12.32 9.56
CA ASN A 101 -1.05 -12.22 10.43
C ASN A 101 -2.36 -12.64 9.78
N GLY A 102 -2.28 -13.13 8.56
CA GLY A 102 -3.39 -13.86 7.95
C GLY A 102 -4.42 -13.05 7.20
N PHE A 103 -4.19 -11.75 7.00
CA PHE A 103 -5.20 -10.90 6.34
C PHE A 103 -4.82 -10.42 4.94
N LEU A 104 -3.65 -10.83 4.47
CA LEU A 104 -3.23 -10.60 3.08
C LEU A 104 -2.68 -11.89 2.51
N GLN A 105 -2.84 -12.04 1.21
CA GLN A 105 -2.05 -13.01 0.50
C GLN A 105 -1.35 -12.41 -0.70
N ASP A 106 -0.24 -13.04 -1.02
CA ASP A 106 0.68 -12.55 -2.02
C ASP A 106 0.34 -13.24 -3.35
N VAL A 107 -0.44 -12.56 -4.20
CA VAL A 107 -0.92 -13.15 -5.45
C VAL A 107 0.18 -13.27 -6.48
N THR A 108 1.03 -12.26 -6.60
CA THR A 108 2.17 -12.39 -7.50
C THR A 108 3.07 -13.56 -7.09
N GLY A 109 3.18 -13.85 -5.81
CA GLY A 109 3.95 -15.00 -5.34
C GLY A 109 3.38 -16.32 -5.81
N ALA A 110 2.09 -16.34 -6.09
CA ALA A 110 1.41 -17.56 -6.54
C ALA A 110 1.28 -17.67 -8.07
N MSE A 111 1.57 -16.59 -8.80
CA MSE A 111 1.27 -16.54 -10.23
CA MSE A 111 1.28 -16.54 -10.22
CA MSE A 111 1.26 -16.53 -10.23
C MSE A 111 2.43 -16.10 -11.14
O MSE A 111 2.45 -16.46 -12.30
CB MSE A 111 0.06 -15.63 -10.51
CB MSE A 111 0.11 -15.60 -10.48
CB MSE A 111 0.07 -15.60 -10.46
CG MSE A 111 -1.29 -16.05 -9.91
CG MSE A 111 -1.17 -16.02 -9.82
CG MSE A 111 -1.30 -16.14 -10.02
SE MSE A 111 -2.37 -17.39 -10.84
SE MSE A 111 -1.86 -17.75 -10.40
SE MSE A 111 -2.18 -17.28 -11.36
CE MSE A 111 -1.57 -17.39 -12.58
CE MSE A 111 -3.64 -17.39 -9.76
CE MSE A 111 -1.13 -18.85 -11.08
N SER A 112 3.37 -15.32 -10.63
CA SER A 112 4.45 -14.78 -11.47
C SER A 112 5.76 -15.50 -11.29
N PRO A 113 6.40 -15.94 -12.40
CA PRO A 113 7.69 -16.57 -12.26
C PRO A 113 8.82 -15.56 -12.03
N ASP A 114 8.56 -14.28 -12.25
CA ASP A 114 9.58 -13.25 -12.13
C ASP A 114 9.76 -12.80 -10.70
N THR A 115 11.02 -12.57 -10.33
CA THR A 115 11.38 -12.15 -8.99
C THR A 115 12.37 -10.98 -9.06
N GLU A 116 12.43 -10.22 -7.99
CA GLU A 116 13.47 -9.23 -7.78
C GLU A 116 13.96 -9.31 -6.36
N ARG A 117 15.22 -8.92 -6.18
CA ARG A 117 15.84 -8.92 -4.88
CA ARG A 117 15.85 -8.93 -4.87
C ARG A 117 15.69 -7.54 -4.24
N LEU A 118 15.14 -7.50 -3.04
CA LEU A 118 14.93 -6.23 -2.34
C LEU A 118 16.28 -5.60 -1.94
N SER A 119 16.32 -4.29 -2.12
CA SER A 119 17.44 -3.46 -1.64
CA SER A 119 17.43 -3.44 -1.65
C SER A 119 16.80 -2.20 -1.05
N ILE A 120 16.76 -2.16 0.28
CA ILE A 120 15.97 -1.18 0.99
C ILE A 120 16.86 -0.38 1.94
N SER A 121 16.91 0.93 1.72
CA SER A 121 17.74 1.85 2.50
C SER A 121 17.34 3.31 2.36
N TYR A 122 16.25 3.61 1.69
CA TYR A 122 15.88 4.98 1.34
C TYR A 122 15.74 5.89 2.55
N MSE A 123 15.02 5.45 3.56
CA MSE A 123 14.71 6.33 4.69
C MSE A 123 15.95 6.70 5.50
O MSE A 123 16.16 7.88 5.80
CB MSE A 123 13.67 5.71 5.60
CG MSE A 123 12.33 5.52 4.91
SE MSE A 123 11.02 4.63 6.02
CE MSE A 123 10.61 6.07 7.21
N SER A 124 16.77 5.73 5.82
CA SER A 124 18.00 6.05 6.56
C SER A 124 19.00 6.82 5.72
N SER A 125 18.93 6.67 4.41
CA SER A 125 19.79 7.45 3.50
C SER A 125 19.35 8.89 3.36
N HIS A 126 18.06 9.14 3.55
CA HIS A 126 17.47 10.47 3.33
C HIS A 126 16.63 10.85 4.52
N PRO A 127 17.25 10.91 5.71
CA PRO A 127 16.44 11.13 6.91
C PRO A 127 15.79 12.51 6.97
N GLN A 128 16.33 13.48 6.25
CA GLN A 128 15.77 14.82 6.20
C GLN A 128 14.35 14.83 5.67
N LEU A 129 13.96 13.79 4.93
CA LEU A 129 12.63 13.73 4.32
C LEU A 129 11.53 13.28 5.26
N TYR A 130 11.92 12.89 6.47
CA TYR A 130 11.02 12.31 7.44
C TYR A 130 11.19 13.04 8.78
N LYS A 131 10.11 13.68 9.24
CA LYS A 131 10.18 14.49 10.47
C LYS A 131 10.89 13.73 11.61
N GLN A 132 10.47 12.47 11.81
CA GLN A 132 10.90 11.67 12.95
C GLN A 132 12.24 10.99 12.78
N LEU A 133 12.84 11.16 11.61
CA LEU A 133 14.21 10.78 11.38
C LEU A 133 15.12 12.00 11.36
N ALA A 134 14.64 13.13 10.84
CA ALA A 134 15.48 14.33 10.61
C ALA A 134 16.22 14.81 11.84
N ASN A 135 15.71 14.51 13.02
CA ASN A 135 16.42 14.88 14.23
C ASN A 135 16.20 13.83 15.32
N SER A 136 16.33 12.57 14.90
CA SER A 136 16.38 11.45 15.83
C SER A 136 17.41 10.42 15.36
N PRO A 137 18.67 10.55 15.83
CA PRO A 137 19.66 9.50 15.55
C PRO A 137 19.22 8.09 15.98
N GLU A 138 18.47 8.00 17.08
CA GLU A 138 17.99 6.71 17.56
C GLU A 138 17.02 6.06 16.55
N ASN A 139 16.09 6.85 16.03
CA ASN A 139 15.15 6.32 15.04
C ASN A 139 15.84 5.91 13.76
N VAL A 140 16.86 6.68 13.34
CA VAL A 140 17.62 6.33 12.17
C VAL A 140 18.30 4.98 12.39
N ALA A 141 18.92 4.78 13.54
CA ALA A 141 19.59 3.49 13.80
C ALA A 141 18.59 2.31 13.81
N LYS A 142 17.41 2.54 14.36
CA LYS A 142 16.38 1.52 14.38
C LYS A 142 15.92 1.19 12.95
N MSE A 143 15.77 2.22 12.13
CA MSE A 143 15.35 2.00 10.74
CA MSE A 143 15.34 1.99 10.75
C MSE A 143 16.41 1.24 9.96
O MSE A 143 16.08 0.39 9.15
CB MSE A 143 15.03 3.31 10.02
CB MSE A 143 14.98 3.32 10.09
CG MSE A 143 13.66 3.89 10.32
CG MSE A 143 13.76 3.98 10.74
SE MSE A 143 12.19 2.59 10.50
SE MSE A 143 12.16 2.91 10.57
CE MSE A 143 12.27 1.82 8.78
CE MSE A 143 12.41 2.98 8.70
N LYS A 144 17.69 1.51 10.21
CA LYS A 144 18.75 0.80 9.52
C LYS A 144 18.65 -0.72 9.81
N LYS A 145 18.37 -1.10 11.04
CA LYS A 145 18.25 -2.51 11.38
CA LYS A 145 18.24 -2.51 11.39
C LYS A 145 17.07 -3.16 10.66
N ILE A 146 15.96 -2.44 10.59
CA ILE A 146 14.78 -2.91 9.87
C ILE A 146 15.08 -3.06 8.37
N GLU A 147 15.74 -2.05 7.78
CA GLU A 147 16.14 -2.09 6.39
C GLU A 147 17.04 -3.30 6.11
N GLN A 148 18.01 -3.54 6.98
CA GLN A 148 18.91 -4.67 6.79
C GLN A 148 18.17 -6.00 6.83
N SER A 149 17.16 -6.08 7.70
CA SER A 149 16.33 -7.28 7.82
C SER A 149 15.53 -7.54 6.56
N LEU A 150 15.10 -6.47 5.91
CA LEU A 150 14.27 -6.59 4.70
C LEU A 150 15.09 -6.86 3.45
N SER A 151 16.26 -6.23 3.38
CA SER A 151 17.10 -6.28 2.20
CA SER A 151 17.11 -6.26 2.19
C SER A 151 17.70 -7.65 1.96
N GLY A 152 17.83 -7.99 0.67
CA GLY A 152 18.47 -9.22 0.24
C GLY A 152 17.50 -10.35 -0.07
N LYS A 153 16.25 -10.22 0.36
CA LYS A 153 15.28 -11.25 0.06
C LYS A 153 14.68 -11.03 -1.31
N GLU A 154 14.34 -12.14 -1.94
CA GLU A 154 13.66 -12.13 -3.21
C GLU A 154 12.15 -12.15 -3.01
N VAL A 155 11.46 -11.39 -3.84
CA VAL A 155 10.02 -11.39 -3.90
C VAL A 155 9.58 -11.56 -5.33
N HIS A 156 8.38 -12.10 -5.52
CA HIS A 156 7.81 -12.22 -6.86
C HIS A 156 7.13 -10.91 -7.25
N TYR A 157 7.21 -10.58 -8.53
CA TYR A 157 6.54 -9.39 -9.05
C TYR A 157 6.21 -9.60 -10.52
N LEU A 158 5.38 -8.73 -11.07
CA LEU A 158 5.05 -8.73 -12.48
C LEU A 158 5.76 -7.55 -13.12
N PRO A 159 6.76 -7.83 -13.97
CA PRO A 159 7.40 -6.74 -14.70
C PRO A 159 6.38 -5.98 -15.53
N LYS A 160 6.54 -4.67 -15.64
CA LYS A 160 5.48 -3.88 -16.26
C LYS A 160 5.21 -4.26 -17.73
N ALA A 161 6.23 -4.69 -18.47
CA ALA A 161 6.02 -5.06 -19.87
C ALA A 161 5.04 -6.22 -20.01
N LYS A 162 4.94 -7.03 -18.97
CA LYS A 162 4.06 -8.20 -18.96
C LYS A 162 2.66 -7.92 -18.46
N LEU A 163 2.32 -6.66 -18.19
CA LEU A 163 0.94 -6.30 -17.86
C LEU A 163 0.24 -5.69 -19.07
N PRO A 164 -0.77 -6.37 -19.62
CA PRO A 164 -1.54 -5.80 -20.71
C PRO A 164 -2.54 -4.75 -20.26
N ALA A 165 -3.01 -3.94 -21.19
CA ALA A 165 -4.05 -2.97 -20.91
C ALA A 165 -5.29 -3.62 -20.32
N ASP A 166 -5.63 -4.83 -20.78
CA ASP A 166 -6.79 -5.59 -20.32
CA ASP A 166 -6.80 -5.55 -20.30
C ASP A 166 -6.51 -6.41 -19.06
N GLY A 167 -5.36 -6.17 -18.43
CA GLY A 167 -5.00 -6.89 -17.23
C GLY A 167 -4.68 -8.35 -17.47
N LEU A 168 -4.76 -9.14 -16.42
CA LEU A 168 -4.55 -10.58 -16.50
C LEU A 168 -5.64 -11.24 -15.67
N PRO A 169 -6.06 -12.44 -16.08
CA PRO A 169 -7.27 -12.95 -15.42
C PRO A 169 -7.14 -13.26 -13.95
N TRP A 170 -5.90 -13.44 -13.48
CA TRP A 170 -5.62 -13.69 -12.07
C TRP A 170 -5.52 -12.43 -11.20
N ILE A 171 -5.58 -11.25 -11.82
CA ILE A 171 -5.68 -9.99 -11.10
C ILE A 171 -7.15 -9.63 -11.09
N LYS A 172 -7.69 -9.42 -9.90
CA LYS A 172 -9.11 -9.24 -9.68
C LYS A 172 -9.44 -7.84 -9.18
N ASP A 173 -10.65 -7.40 -9.49
CA ASP A 173 -11.23 -6.22 -8.84
C ASP A 173 -10.96 -6.27 -7.35
N GLY A 174 -10.51 -5.15 -6.80
CA GLY A 174 -10.27 -5.03 -5.39
C GLY A 174 -8.90 -5.47 -4.90
N ASP A 175 -8.11 -6.09 -5.78
CA ASP A 175 -6.75 -6.41 -5.42
C ASP A 175 -5.95 -5.13 -5.07
N ILE A 176 -5.00 -5.29 -4.13
CA ILE A 176 -4.10 -4.22 -3.79
C ILE A 176 -2.89 -4.31 -4.69
N ILE A 177 -2.61 -3.19 -5.35
CA ILE A 177 -1.49 -3.08 -6.28
C ILE A 177 -0.40 -2.23 -5.67
N ALA A 178 0.79 -2.78 -5.58
CA ALA A 178 1.98 -2.07 -5.11
C ALA A 178 2.95 -1.95 -6.29
N ILE A 179 3.28 -0.71 -6.65
CA ILE A 179 4.08 -0.43 -7.83
C ILE A 179 5.56 -0.45 -7.44
N THR A 180 6.31 -1.36 -8.05
CA THR A 180 7.71 -1.53 -7.79
C THR A 180 8.49 -0.44 -8.53
N THR A 181 9.71 -0.18 -8.05
CA THR A 181 10.46 0.98 -8.51
C THR A 181 11.95 0.77 -8.58
N ASN A 182 12.57 1.43 -9.56
CA ASN A 182 14.03 1.45 -9.66
C ASN A 182 14.68 2.56 -8.86
N THR A 183 13.92 3.33 -8.09
CA THR A 183 14.53 4.31 -7.18
C THR A 183 15.48 3.56 -6.26
N PRO A 184 16.72 4.03 -6.15
CA PRO A 184 17.66 3.30 -5.31
C PRO A 184 17.24 3.27 -3.85
N GLY A 185 17.32 2.08 -3.27
CA GLY A 185 17.00 1.90 -1.87
C GLY A 185 15.51 1.79 -1.56
N LEU A 186 14.66 1.80 -2.57
CA LEU A 186 13.22 1.78 -2.36
C LEU A 186 12.58 0.65 -3.14
N ASP A 187 11.65 -0.04 -2.49
CA ASP A 187 10.98 -1.21 -3.07
C ASP A 187 9.69 -0.89 -3.83
N VAL A 188 8.91 0.03 -3.28
CA VAL A 188 7.59 0.38 -3.80
C VAL A 188 7.46 1.88 -3.78
N ALA A 189 6.86 2.47 -4.82
CA ALA A 189 6.68 3.91 -4.96
C ALA A 189 5.25 4.41 -4.91
N HIS A 190 4.27 3.53 -5.09
CA HIS A 190 2.89 3.96 -5.20
C HIS A 190 2.02 2.71 -5.01
N MSE A 191 0.76 2.92 -4.66
CA MSE A 191 -0.20 1.85 -4.44
C MSE A 191 -1.58 2.27 -4.85
O MSE A 191 -1.89 3.47 -4.90
CB MSE A 191 -0.30 1.50 -2.92
CG MSE A 191 0.96 1.22 -2.24
SE MSE A 191 0.73 0.84 -0.44
CE MSE A 191 0.20 -0.99 -0.69
N GLY A 192 -2.44 1.27 -5.09
CA GLY A 192 -3.84 1.52 -5.34
C GLY A 192 -4.62 0.22 -5.37
N ILE A 193 -5.85 0.33 -5.84
CA ILE A 193 -6.81 -0.78 -5.85
C ILE A 193 -7.20 -1.07 -7.29
N ALA A 194 -7.12 -2.35 -7.68
CA ALA A 194 -7.46 -2.76 -9.04
C ALA A 194 -8.95 -2.58 -9.33
N PHE A 195 -9.24 -2.08 -10.54
CA PHE A 195 -10.61 -1.88 -10.99
C PHE A 195 -10.68 -2.08 -12.50
N TYR A 196 -11.51 -3.02 -12.94
CA TYR A 196 -11.75 -3.21 -14.38
C TYR A 196 -12.95 -2.40 -14.86
N ALA A 197 -12.76 -1.71 -15.99
CA ALA A 197 -13.84 -0.99 -16.67
C ALA A 197 -13.53 -0.94 -18.18
N ASP A 198 -14.55 -1.15 -19.00
CA ASP A 198 -14.39 -1.23 -20.45
C ASP A 198 -13.24 -2.17 -20.88
N ASN A 199 -13.16 -3.31 -20.20
CA ASN A 199 -12.14 -4.34 -20.45
CA ASN A 199 -12.14 -4.34 -20.46
C ASN A 199 -10.71 -3.78 -20.36
N LYS A 200 -10.54 -2.83 -19.46
CA LYS A 200 -9.22 -2.31 -19.11
CA LYS A 200 -9.23 -2.33 -19.12
C LYS A 200 -9.04 -2.45 -17.62
N LEU A 201 -7.84 -2.84 -17.21
CA LEU A 201 -7.45 -2.81 -15.81
C LEU A 201 -6.97 -1.40 -15.49
N LEU A 202 -7.77 -0.72 -14.66
CA LEU A 202 -7.52 0.62 -14.16
C LEU A 202 -7.09 0.53 -12.69
N LEU A 203 -6.77 1.70 -12.13
CA LEU A 203 -6.37 1.81 -10.74
C LEU A 203 -7.20 2.89 -10.05
N VAL A 204 -7.77 2.54 -8.91
CA VAL A 204 -8.34 3.51 -7.99
C VAL A 204 -7.22 3.87 -7.02
N HIS A 205 -6.87 5.15 -6.96
CA HIS A 205 -5.68 5.54 -6.19
C HIS A 205 -5.73 7.00 -5.76
N ALA A 206 -5.01 7.30 -4.69
CA ALA A 206 -4.82 8.68 -4.26
C ALA A 206 -3.72 9.30 -5.10
N SER A 207 -4.12 10.23 -5.95
CA SER A 207 -3.23 10.84 -6.91
C SER A 207 -2.67 12.19 -6.40
N SER A 208 -1.37 12.24 -6.19
CA SER A 208 -0.73 13.48 -5.78
C SER A 208 -0.85 14.53 -6.88
N THR A 209 -0.85 14.10 -8.14
CA THR A 209 -0.97 15.01 -9.29
CA THR A 209 -0.96 15.06 -9.24
C THR A 209 -2.36 15.65 -9.36
N ASP A 210 -3.40 14.81 -9.26
CA ASP A 210 -4.79 15.31 -9.32
C ASP A 210 -5.31 15.85 -7.98
N LYS A 211 -4.51 15.62 -6.94
CA LYS A 211 -4.78 16.12 -5.58
CA LYS A 211 -4.78 16.11 -5.58
C LYS A 211 -6.02 15.49 -4.94
N LYS A 212 -6.39 14.29 -5.39
CA LYS A 212 -7.53 13.59 -4.83
C LYS A 212 -7.49 12.14 -5.24
N VAL A 213 -8.39 11.36 -4.64
CA VAL A 213 -8.60 9.98 -5.03
C VAL A 213 -9.38 9.93 -6.33
N VAL A 214 -8.85 9.18 -7.29
CA VAL A 214 -9.38 9.09 -8.64
C VAL A 214 -9.43 7.64 -9.15
N VAL A 215 -10.23 7.41 -10.18
CA VAL A 215 -10.04 6.30 -11.09
C VAL A 215 -9.09 6.76 -12.17
N SER A 216 -8.07 5.95 -12.44
CA SER A 216 -7.14 6.31 -13.50
C SER A 216 -7.87 6.44 -14.88
N LYS A 217 -7.42 7.40 -15.67
CA LYS A 217 -8.01 7.70 -16.98
C LYS A 217 -7.40 6.84 -18.05
N VAL A 218 -6.30 6.17 -17.72
CA VAL A 218 -5.66 5.21 -18.59
C VAL A 218 -5.43 3.91 -17.82
N PRO A 219 -5.20 2.82 -18.55
CA PRO A 219 -4.94 1.58 -17.85
C PRO A 219 -3.68 1.60 -17.01
N LEU A 220 -3.68 0.75 -15.98
CA LEU A 220 -2.50 0.56 -15.15
C LEU A 220 -1.25 0.27 -15.99
N SER A 221 -1.40 -0.53 -17.03
CA SER A 221 -0.26 -0.83 -17.92
C SER A 221 0.37 0.44 -18.48
N GLN A 222 -0.47 1.42 -18.86
CA GLN A 222 0.02 2.67 -19.41
CA GLN A 222 0.01 2.68 -19.42
C GLN A 222 0.62 3.55 -18.32
N MSE A 223 0.00 3.57 -17.13
CA MSE A 223 0.57 4.30 -15.99
C MSE A 223 1.99 3.84 -15.75
O MSE A 223 2.90 4.63 -15.52
CB MSE A 223 -0.23 4.06 -14.70
CG MSE A 223 -1.62 4.65 -14.67
SE MSE A 223 -2.53 4.19 -12.99
CE MSE A 223 -1.09 4.69 -11.80
N LEU A 224 2.20 2.53 -15.80
CA LEU A 224 3.51 1.98 -15.57
C LEU A 224 4.48 2.32 -16.70
N LYS A 225 4.03 2.15 -17.95
CA LYS A 225 4.87 2.43 -19.10
C LYS A 225 5.35 3.89 -19.11
N ASP A 226 4.46 4.81 -18.77
CA ASP A 226 4.76 6.24 -18.84
C ASP A 226 5.72 6.74 -17.79
N ASN A 227 5.96 5.95 -16.75
CA ASN A 227 6.85 6.37 -15.65
C ASN A 227 8.13 5.54 -15.65
N ASN A 228 9.24 6.17 -15.98
CA ASN A 228 10.51 5.45 -16.09
C ASN A 228 11.09 4.92 -14.78
N LYS A 229 10.55 5.34 -13.64
N LYS A 229 10.55 5.35 -13.64
CA LYS A 229 10.96 4.81 -12.35
CA LYS A 229 10.98 4.80 -12.35
C LYS A 229 10.17 3.56 -11.94
C LYS A 229 10.18 3.56 -11.95
N TRP A 230 9.02 3.35 -12.56
CA TRP A 230 8.13 2.26 -12.17
C TRP A 230 8.47 1.06 -12.97
N THR A 231 8.65 -0.08 -12.31
CA THR A 231 9.17 -1.28 -12.97
C THR A 231 8.18 -2.44 -13.09
N GLY A 232 7.07 -2.39 -12.36
CA GLY A 232 6.16 -3.50 -12.30
C GLY A 232 5.27 -3.36 -11.09
N ILE A 233 4.64 -4.48 -10.73
CA ILE A 233 3.72 -4.53 -9.62
C ILE A 233 3.85 -5.80 -8.80
N ARG A 234 3.57 -5.66 -7.52
CA ARG A 234 3.15 -6.75 -6.67
C ARG A 234 1.63 -6.67 -6.52
N VAL A 235 0.99 -7.84 -6.50
CA VAL A 235 -0.44 -7.94 -6.41
C VAL A 235 -0.73 -8.68 -5.10
N LEU A 236 -1.46 -8.01 -4.22
CA LEU A 236 -1.86 -8.56 -2.92
C LEU A 236 -3.36 -8.63 -2.86
N ARG A 237 -3.87 -9.49 -1.99
CA ARG A 237 -5.31 -9.67 -1.90
C ARG A 237 -5.72 -9.85 -0.44
N MSE A 238 -6.76 -9.12 -0.05
CA MSE A 238 -7.34 -9.29 1.28
CA MSE A 238 -7.33 -9.29 1.28
C MSE A 238 -7.73 -10.76 1.50
O MSE A 238 -8.26 -11.39 0.59
CB MSE A 238 -8.60 -8.46 1.42
CB MSE A 238 -8.54 -8.35 1.40
CG MSE A 238 -9.31 -8.63 2.77
CG MSE A 238 -9.25 -8.38 2.72
SE MSE A 238 -10.94 -7.62 2.88
SE MSE A 238 -10.73 -9.62 2.66
CE MSE A 238 -12.01 -8.69 1.64
CE MSE A 238 -11.81 -8.78 1.25
N LYS A 239 -7.49 -11.26 2.71
CA LYS A 239 -7.82 -12.62 3.09
C LYS A 239 -8.65 -12.57 4.36
N LYS A 240 -9.77 -13.28 4.33
CA LYS A 240 -10.79 -13.24 5.37
C LYS A 240 -11.33 -14.64 5.52
C1 2YP B . 4.76 5.80 3.03
O1 2YP B . 5.22 6.20 1.79
C2 2YP B . 5.89 6.03 4.01
C3 2YP B . 5.41 5.81 5.45
O3 2YP B . 6.39 6.34 6.33
C4 2YP B . 4.09 6.51 5.73
OAC 2YP B . 8.24 6.66 2.53
CAB 2YP B . 8.07 5.52 2.97
CAA 2YP B . 9.05 4.42 2.67
N2 2YP B . 7.01 5.17 3.71
O4 2YP B . 3.56 6.03 6.97
C5 2YP B . 3.09 6.20 4.63
C6 2YP B . 1.76 6.93 4.79
O6 2YP B . 1.91 8.35 4.79
O5 2YP B . 3.64 6.59 3.37
CA4 2YP B . 4.48 5.77 0.63
CA3 2YP B . 5.02 6.65 -0.49
OAH 2YP B . 3.98 6.90 -1.45
CAI 2YP B . 3.58 8.28 -1.46
CAJ 2YP B . 2.62 8.53 -0.31
CAL 2YP B . 3.00 8.63 -2.83
OAM 2YP B . 2.25 9.61 -2.93
O 2YP B . 3.36 7.87 -3.77
CA5 2YP B . 4.67 4.28 0.36
OA5 2YP B . 6.08 4.03 0.10
CA6 2YP B . 4.02 3.81 -0.93
OA6 2YP B . 5.07 4.00 -1.92
CA1 2YP B . 6.21 4.50 -1.21
CA2 2YP B . 6.23 6.03 -1.20
NAD 2YP B . 7.48 6.51 -0.64
CAE 2YP B . 8.45 7.05 -1.34
OAG 2YP B . 8.35 7.19 -2.56
CAF 2YP B . 9.68 7.46 -0.58
NA NA C . 14.43 0.12 -6.02
#